data_3HRW
#
_entry.id   3HRW
#
_cell.length_a   53.081
_cell.length_b   65.940
_cell.length_c   150.931
_cell.angle_alpha   90.00
_cell.angle_beta   90.00
_cell.angle_gamma   90.00
#
_symmetry.space_group_name_H-M   'P 21 21 21'
#
loop_
_entity.id
_entity.type
_entity.pdbx_description
1 polymer 'Hemoglobin subunit alpha'
2 polymer 'Hemoglobin subunit beta-1'
3 non-polymer 'PROTOPORPHYRIN IX CONTAINING FE'
4 water water
#
loop_
_entity_poly.entity_id
_entity_poly.type
_entity_poly.pdbx_seq_one_letter_code
_entity_poly.pdbx_strand_id
1 'polypeptide(L)'
;VLSGEDKSNIKAAWGKIGGHGAEYGAEALERMFASFPTTKTYFPHFDVSHGSAQVKGHGKKVADALASAAGHLDDLPGAL
SALSDLHAHKLRVDPVNFKLLSHCLLVTLASHHPADFTPAVHASLDKFLASVSTVLTSKYR
;
A,C
2 'polypeptide(L)'
;VHLTDAEKAAVSCLWGKVNSDEVGGEALGRLLVVYPWTQRYFDSFGDLSSASAIMGNAKVKAHGKKVITAFNDGLNHLDS
LKGTFASLSELHCDKLHVDPENFRLLGNMIVIVLGHHLGKDFTPAAQAAFQKVVAGVATALAHKYH
;
B,D
#
loop_
_chem_comp.id
_chem_comp.type
_chem_comp.name
_chem_comp.formula
HEM non-polymer 'PROTOPORPHYRIN IX CONTAINING FE' 'C34 H32 Fe N4 O4'
#
# COMPACT_ATOMS: atom_id res chain seq x y z
N VAL A 1 -1.54 -18.35 1.64
CA VAL A 1 -2.06 -19.74 1.77
C VAL A 1 -1.38 -20.71 0.78
N LEU A 2 -1.77 -20.67 -0.50
CA LEU A 2 -1.25 -21.63 -1.49
C LEU A 2 -1.59 -23.09 -1.14
N SER A 3 -2.88 -23.43 -1.28
CA SER A 3 -3.44 -24.73 -0.92
C SER A 3 -4.10 -25.38 -2.13
N GLY A 4 -4.03 -26.70 -2.20
CA GLY A 4 -4.77 -27.51 -3.19
C GLY A 4 -5.41 -26.78 -4.36
N GLU A 5 -6.52 -26.09 -4.09
CA GLU A 5 -7.24 -25.36 -5.13
C GLU A 5 -6.35 -24.39 -5.89
N ASP A 6 -5.59 -23.59 -5.15
CA ASP A 6 -4.61 -22.69 -5.73
C ASP A 6 -3.74 -23.39 -6.77
N LYS A 7 -3.10 -24.48 -6.34
CA LYS A 7 -2.28 -25.27 -7.23
C LYS A 7 -3.06 -25.74 -8.45
N SER A 8 -4.26 -26.28 -8.22
CA SER A 8 -5.13 -26.68 -9.33
C SER A 8 -5.25 -25.52 -10.33
N ASN A 9 -5.84 -24.41 -9.87
CA ASN A 9 -6.10 -23.21 -10.68
C ASN A 9 -4.84 -22.53 -11.15
N ILE A 10 -3.85 -22.44 -10.26
CA ILE A 10 -2.57 -21.80 -10.58
C ILE A 10 -1.85 -22.52 -11.72
N LYS A 11 -1.89 -23.86 -11.68
CA LYS A 11 -1.31 -24.63 -12.76
C LYS A 11 -2.28 -24.80 -13.92
N ALA A 12 -3.55 -25.00 -13.59
CA ALA A 12 -4.60 -25.33 -14.58
C ALA A 12 -4.97 -24.21 -15.57
N ALA A 13 -4.73 -22.97 -15.17
CA ALA A 13 -5.04 -21.82 -16.01
C ALA A 13 -3.80 -21.31 -16.73
N TRP A 14 -2.62 -21.65 -16.20
CA TRP A 14 -1.36 -21.24 -16.81
C TRP A 14 -1.05 -22.10 -18.03
N GLY A 15 -1.93 -23.06 -18.27
CA GLY A 15 -1.93 -23.88 -19.48
C GLY A 15 -2.84 -23.33 -20.56
N LYS A 16 -4.08 -23.00 -20.19
CA LYS A 16 -5.02 -22.33 -21.11
C LYS A 16 -4.23 -21.25 -21.86
N ILE A 17 -3.11 -20.84 -21.25
CA ILE A 17 -2.25 -19.77 -21.74
C ILE A 17 -1.33 -20.32 -22.83
N GLY A 18 -0.91 -21.58 -22.68
CA GLY A 18 0.02 -22.20 -23.64
C GLY A 18 1.10 -21.24 -24.08
N GLY A 19 1.50 -21.33 -25.34
CA GLY A 19 2.56 -20.46 -25.85
C GLY A 19 2.20 -18.98 -25.88
N HIS A 20 1.01 -18.64 -25.39
CA HIS A 20 0.52 -17.25 -25.42
C HIS A 20 1.05 -16.39 -24.26
N GLY A 21 1.62 -17.02 -23.24
CA GLY A 21 2.14 -16.33 -22.07
C GLY A 21 3.05 -15.14 -22.31
N ALA A 22 3.87 -15.21 -23.36
CA ALA A 22 4.83 -14.15 -23.64
C ALA A 22 4.22 -12.92 -24.32
N GLU A 23 3.23 -13.13 -25.18
CA GLU A 23 2.48 -12.02 -25.75
C GLU A 23 1.61 -11.44 -24.64
N TYR A 24 1.24 -12.30 -23.68
CA TYR A 24 0.50 -11.87 -22.52
C TYR A 24 1.42 -11.07 -21.60
N GLY A 25 2.66 -11.53 -21.43
CA GLY A 25 3.64 -10.84 -20.63
C GLY A 25 3.99 -9.52 -21.27
N ALA A 26 3.94 -9.50 -22.59
CA ALA A 26 4.13 -8.29 -23.39
C ALA A 26 2.98 -7.34 -23.17
N GLU A 27 1.76 -7.88 -23.25
CA GLU A 27 0.52 -7.09 -23.15
C GLU A 27 0.35 -6.45 -21.78
N ALA A 28 0.74 -7.18 -20.73
CA ALA A 28 0.70 -6.72 -19.34
C ALA A 28 1.65 -5.57 -19.12
N LEU A 29 2.84 -5.66 -19.69
CA LEU A 29 3.86 -4.65 -19.53
C LEU A 29 3.38 -3.39 -20.17
N GLU A 30 2.84 -3.54 -21.37
CA GLU A 30 2.39 -2.39 -22.13
C GLU A 30 1.22 -1.73 -21.43
N ARG A 31 0.40 -2.52 -20.75
CA ARG A 31 -0.75 -1.98 -20.03
C ARG A 31 -0.29 -1.02 -18.93
N MET A 32 0.64 -1.52 -18.14
CA MET A 32 1.28 -0.78 -17.07
C MET A 32 1.64 0.65 -17.52
N PHE A 33 2.45 0.76 -18.58
CA PHE A 33 2.96 2.06 -19.07
C PHE A 33 1.87 3.09 -19.33
N ALA A 34 0.80 2.70 -20.00
CA ALA A 34 -0.31 3.60 -20.25
C ALA A 34 -0.98 4.06 -18.95
N SER A 35 -1.26 3.13 -18.05
CA SER A 35 -1.99 3.43 -16.80
C SER A 35 -1.09 4.01 -15.70
N PHE A 36 0.20 3.68 -15.77
CA PHE A 36 1.16 4.11 -14.77
C PHE A 36 2.27 4.45 -15.77
N PRO A 37 2.48 5.75 -16.04
CA PRO A 37 3.61 6.27 -16.85
C PRO A 37 4.94 6.30 -16.09
N THR A 38 4.88 6.22 -14.77
CA THR A 38 6.08 6.08 -13.92
C THR A 38 6.76 4.75 -14.13
N THR A 39 5.98 3.69 -14.30
CA THR A 39 6.57 2.37 -14.52
C THR A 39 7.53 2.37 -15.70
N LYS A 40 7.44 3.41 -16.53
CA LYS A 40 8.31 3.60 -17.68
C LYS A 40 9.74 3.98 -17.31
N THR A 41 9.95 4.50 -16.11
CA THR A 41 11.27 4.89 -15.63
C THR A 41 12.32 3.80 -15.56
N TYR A 42 11.91 2.57 -15.29
CA TYR A 42 12.84 1.48 -15.09
C TYR A 42 13.24 0.90 -16.43
N PHE A 43 12.68 1.46 -17.49
CA PHE A 43 12.85 0.92 -18.83
C PHE A 43 13.21 1.96 -19.91
N PRO A 44 14.22 2.83 -19.64
CA PRO A 44 14.50 3.97 -20.54
C PRO A 44 15.31 3.58 -21.77
N HIS A 45 15.91 2.40 -21.73
CA HIS A 45 16.67 1.86 -22.84
C HIS A 45 15.73 1.26 -23.87
N PHE A 46 14.59 0.75 -23.42
CA PHE A 46 13.58 0.16 -24.29
C PHE A 46 12.91 1.23 -25.16
N ASP A 47 12.44 0.82 -26.34
CA ASP A 47 11.56 1.63 -27.18
C ASP A 47 10.12 1.19 -26.86
N VAL A 48 9.45 2.01 -26.06
CA VAL A 48 8.28 1.60 -25.28
C VAL A 48 6.96 1.52 -26.07
N SER A 49 6.99 1.97 -27.32
CA SER A 49 5.81 1.97 -28.17
C SER A 49 5.25 0.56 -28.43
N HIS A 50 3.98 0.52 -28.83
CA HIS A 50 3.15 -0.68 -28.77
C HIS A 50 3.82 -1.99 -29.20
N GLY A 51 4.23 -2.10 -30.46
CA GLY A 51 4.69 -3.38 -31.00
C GLY A 51 6.13 -3.75 -30.73
N SER A 52 6.78 -2.95 -29.88
CA SER A 52 8.24 -2.97 -29.68
C SER A 52 8.87 -4.33 -29.38
N ALA A 53 10.00 -4.61 -30.04
CA ALA A 53 10.70 -5.91 -29.94
C ALA A 53 11.36 -6.15 -28.58
N GLN A 54 11.75 -5.07 -27.90
CA GLN A 54 12.29 -5.14 -26.55
C GLN A 54 11.20 -5.59 -25.55
N VAL A 55 10.07 -4.87 -25.52
CA VAL A 55 8.92 -5.20 -24.68
C VAL A 55 8.46 -6.65 -24.93
N LYS A 56 8.32 -6.98 -26.21
CA LYS A 56 8.07 -8.35 -26.67
C LYS A 56 9.17 -9.29 -26.19
N GLY A 57 10.40 -8.91 -26.45
CA GLY A 57 11.54 -9.68 -25.98
C GLY A 57 11.53 -9.83 -24.48
N HIS A 58 11.21 -8.75 -23.78
CA HIS A 58 11.17 -8.79 -22.33
C HIS A 58 9.93 -9.51 -21.82
N GLY A 59 8.87 -9.51 -22.61
CA GLY A 59 7.63 -10.19 -22.21
C GLY A 59 7.83 -11.68 -22.13
N LYS A 60 8.75 -12.16 -22.95
CA LYS A 60 8.98 -13.58 -23.09
C LYS A 60 9.70 -14.08 -21.86
N LYS A 61 10.47 -13.20 -21.27
CA LYS A 61 11.24 -13.52 -20.10
C LYS A 61 10.31 -13.57 -18.89
N VAL A 62 9.52 -12.51 -18.72
CA VAL A 62 8.50 -12.45 -17.65
C VAL A 62 7.39 -13.50 -17.84
N ALA A 63 7.33 -14.11 -19.01
CA ALA A 63 6.49 -15.28 -19.19
C ALA A 63 7.17 -16.48 -18.56
N ASP A 64 8.46 -16.63 -18.90
CA ASP A 64 9.20 -17.83 -18.61
C ASP A 64 9.41 -17.92 -17.14
N ALA A 65 9.94 -16.85 -16.57
CA ALA A 65 10.21 -16.79 -15.14
C ALA A 65 9.00 -17.26 -14.36
N LEU A 66 7.83 -16.73 -14.73
CA LEU A 66 6.56 -17.09 -14.10
C LEU A 66 6.12 -18.52 -14.39
N ALA A 67 6.24 -18.93 -15.65
CA ALA A 67 5.77 -20.24 -16.08
C ALA A 67 6.55 -21.30 -15.34
N SER A 68 7.86 -21.06 -15.24
CA SER A 68 8.73 -21.86 -14.40
C SER A 68 8.20 -21.81 -12.98
N ALA A 69 7.99 -20.59 -12.48
CA ALA A 69 7.55 -20.34 -11.10
C ALA A 69 6.23 -21.02 -10.77
N ALA A 70 5.30 -20.93 -11.71
CA ALA A 70 3.97 -21.52 -11.56
C ALA A 70 4.07 -23.02 -11.50
N GLY A 71 5.23 -23.53 -11.86
CA GLY A 71 5.52 -24.93 -11.74
C GLY A 71 5.99 -25.17 -10.33
N HIS A 72 7.24 -24.81 -10.05
CA HIS A 72 7.79 -24.96 -8.71
C HIS A 72 6.98 -24.10 -7.73
N LEU A 73 5.69 -24.41 -7.61
CA LEU A 73 4.83 -23.79 -6.64
C LEU A 73 5.26 -24.12 -5.20
N ASP A 74 6.01 -25.21 -5.03
CA ASP A 74 6.41 -25.64 -3.70
C ASP A 74 7.70 -24.98 -3.18
N ASP A 75 8.55 -24.50 -4.10
CA ASP A 75 9.64 -23.65 -3.66
C ASP A 75 9.45 -22.56 -4.69
N LEU A 76 8.80 -21.48 -4.26
CA LEU A 76 8.79 -20.20 -4.95
C LEU A 76 10.00 -19.28 -4.67
N PRO A 77 10.68 -19.45 -3.52
CA PRO A 77 12.04 -18.92 -3.41
C PRO A 77 13.08 -19.92 -3.93
N GLY A 78 13.94 -19.50 -4.84
CA GLY A 78 14.93 -20.42 -5.41
C GLY A 78 14.76 -20.63 -6.90
N ALA A 79 13.51 -20.70 -7.33
CA ALA A 79 13.20 -20.57 -8.76
C ALA A 79 13.26 -19.09 -9.13
N LEU A 80 12.81 -18.24 -8.20
CA LEU A 80 12.77 -16.80 -8.40
C LEU A 80 14.00 -16.08 -7.88
N SER A 81 14.89 -16.81 -7.20
CA SER A 81 16.09 -16.23 -6.58
C SER A 81 17.24 -15.99 -7.57
N ALA A 82 16.97 -16.31 -8.83
CA ALA A 82 17.69 -15.71 -9.95
C ALA A 82 17.34 -14.23 -10.00
N LEU A 83 16.08 -13.91 -9.68
CA LEU A 83 15.50 -12.61 -9.97
C LEU A 83 15.29 -11.67 -8.78
N SER A 84 15.37 -12.19 -7.57
CA SER A 84 15.32 -11.31 -6.43
C SER A 84 16.46 -10.30 -6.55
N ASP A 85 17.70 -10.82 -6.53
CA ASP A 85 18.90 -9.99 -6.63
C ASP A 85 18.72 -8.84 -7.62
N LEU A 86 18.41 -9.19 -8.86
CA LEU A 86 18.37 -8.21 -9.93
C LEU A 86 17.40 -7.07 -9.62
N HIS A 87 16.14 -7.40 -9.37
CA HIS A 87 15.14 -6.40 -9.02
C HIS A 87 15.42 -5.72 -7.69
N ALA A 88 15.75 -6.52 -6.68
CA ALA A 88 15.99 -6.00 -5.36
C ALA A 88 17.29 -5.28 -5.06
N HIS A 89 18.41 -5.91 -5.42
CA HIS A 89 19.72 -5.25 -5.34
C HIS A 89 20.32 -4.54 -6.55
N LYS A 90 20.34 -5.22 -7.70
CA LYS A 90 20.90 -4.63 -8.93
C LYS A 90 19.99 -3.69 -9.73
N LEU A 91 18.69 -3.70 -9.49
CA LEU A 91 17.81 -2.79 -10.20
C LEU A 91 17.16 -1.80 -9.28
N ARG A 92 17.17 -2.08 -7.98
CA ARG A 92 16.49 -1.23 -7.00
C ARG A 92 15.12 -0.84 -7.52
N VAL A 93 14.32 -1.87 -7.78
CA VAL A 93 12.96 -1.71 -8.21
C VAL A 93 12.18 -1.21 -7.01
N ASP A 94 11.05 -0.55 -7.25
CA ASP A 94 10.21 -0.11 -6.18
C ASP A 94 9.12 -1.15 -6.03
N PRO A 95 9.00 -1.76 -4.83
CA PRO A 95 8.01 -2.78 -4.44
C PRO A 95 6.59 -2.52 -4.92
N VAL A 96 6.23 -1.26 -5.07
CA VAL A 96 4.90 -0.85 -5.50
C VAL A 96 4.54 -1.25 -6.93
N ASN A 97 5.54 -1.51 -7.77
CA ASN A 97 5.25 -1.76 -9.17
C ASN A 97 4.80 -3.20 -9.44
N PHE A 98 5.08 -4.10 -8.52
CA PHE A 98 4.63 -5.47 -8.65
C PHE A 98 3.14 -5.53 -8.44
N LYS A 99 2.64 -4.68 -7.53
CA LYS A 99 1.20 -4.48 -7.38
C LYS A 99 0.64 -4.06 -8.72
N LEU A 100 1.36 -3.13 -9.35
CA LEU A 100 0.95 -2.57 -10.60
C LEU A 100 1.04 -3.57 -11.71
N LEU A 101 2.19 -4.24 -11.80
CA LEU A 101 2.39 -5.19 -12.90
C LEU A 101 1.40 -6.35 -12.85
N SER A 102 1.31 -7.00 -11.68
CA SER A 102 0.48 -8.19 -11.50
C SER A 102 -1.01 -7.90 -11.74
N HIS A 103 -1.39 -6.65 -11.51
CA HIS A 103 -2.74 -6.24 -11.78
C HIS A 103 -2.95 -6.27 -13.29
N CYS A 104 -2.11 -5.53 -14.02
CA CYS A 104 -2.11 -5.52 -15.47
C CYS A 104 -2.02 -6.93 -16.06
N LEU A 105 -1.10 -7.71 -15.50
CA LEU A 105 -0.89 -9.10 -15.85
C LEU A 105 -2.20 -9.91 -15.80
N LEU A 106 -3.08 -9.55 -14.86
CA LEU A 106 -4.37 -10.25 -14.71
C LEU A 106 -5.44 -9.76 -15.68
N VAL A 107 -5.70 -8.46 -15.67
CA VAL A 107 -6.64 -7.79 -16.57
C VAL A 107 -6.59 -8.42 -17.96
N THR A 108 -5.36 -8.65 -18.41
CA THR A 108 -5.03 -9.25 -19.67
C THR A 108 -5.60 -10.67 -19.82
N LEU A 109 -5.34 -11.51 -18.83
CA LEU A 109 -5.88 -12.88 -18.82
C LEU A 109 -7.39 -12.85 -18.71
N ALA A 110 -7.94 -11.93 -17.93
CA ALA A 110 -9.38 -11.77 -17.86
C ALA A 110 -9.92 -11.49 -19.22
N SER A 111 -9.31 -10.53 -19.92
CA SER A 111 -9.77 -10.03 -21.20
C SER A 111 -9.60 -11.01 -22.33
N HIS A 112 -8.44 -11.66 -22.36
CA HIS A 112 -8.17 -12.72 -23.32
C HIS A 112 -8.83 -14.06 -23.01
N HIS A 113 -9.11 -14.36 -21.73
CA HIS A 113 -9.66 -15.68 -21.34
C HIS A 113 -10.79 -15.69 -20.32
N PRO A 114 -11.91 -15.04 -20.63
CA PRO A 114 -12.93 -14.90 -19.59
C PRO A 114 -13.42 -16.24 -19.00
N ALA A 115 -13.88 -17.16 -19.85
CA ALA A 115 -14.49 -18.40 -19.37
C ALA A 115 -13.69 -19.04 -18.25
N ASP A 116 -12.38 -18.97 -18.32
CA ASP A 116 -11.51 -19.53 -17.33
C ASP A 116 -11.38 -18.61 -16.13
N PHE A 117 -11.34 -17.30 -16.39
CA PHE A 117 -11.03 -16.31 -15.34
C PHE A 117 -12.15 -16.21 -14.32
N THR A 118 -12.36 -17.30 -13.58
CA THR A 118 -13.41 -17.38 -12.59
C THR A 118 -12.88 -16.84 -11.30
N PRO A 119 -13.75 -16.23 -10.46
CA PRO A 119 -13.32 -15.63 -9.22
C PRO A 119 -12.29 -16.52 -8.56
N ALA A 120 -12.58 -17.81 -8.54
CA ALA A 120 -11.77 -18.80 -7.81
C ALA A 120 -10.36 -18.84 -8.35
N VAL A 121 -10.22 -18.78 -9.67
CA VAL A 121 -8.90 -18.75 -10.28
C VAL A 121 -8.26 -17.38 -10.09
N HIS A 122 -8.97 -16.36 -10.56
CA HIS A 122 -8.64 -14.97 -10.31
C HIS A 122 -8.04 -14.93 -8.91
N ALA A 123 -8.72 -15.58 -7.98
CA ALA A 123 -8.36 -15.52 -6.57
C ALA A 123 -7.12 -16.34 -6.27
N SER A 124 -6.99 -17.49 -6.92
CA SER A 124 -5.83 -18.34 -6.73
C SER A 124 -4.61 -17.66 -7.36
N LEU A 125 -4.85 -16.96 -8.46
CA LEU A 125 -3.81 -16.23 -9.16
C LEU A 125 -3.21 -15.08 -8.34
N ASP A 126 -4.05 -14.16 -7.86
CA ASP A 126 -3.55 -13.00 -7.12
C ASP A 126 -2.80 -13.46 -5.87
N LYS A 127 -3.22 -14.62 -5.34
CA LYS A 127 -2.56 -15.27 -4.22
C LYS A 127 -1.14 -15.74 -4.61
N PHE A 128 -0.90 -15.82 -5.92
CA PHE A 128 0.32 -16.38 -6.47
C PHE A 128 1.22 -15.33 -7.08
N LEU A 129 0.63 -14.32 -7.69
CA LEU A 129 1.39 -13.18 -8.18
C LEU A 129 2.03 -12.49 -6.99
N ALA A 130 1.25 -12.35 -5.92
CA ALA A 130 1.74 -11.81 -4.66
C ALA A 130 2.91 -12.61 -4.11
N SER A 131 2.84 -13.94 -4.22
CA SER A 131 3.94 -14.81 -3.76
C SER A 131 5.23 -14.55 -4.52
N VAL A 132 5.12 -14.30 -5.81
CA VAL A 132 6.26 -13.97 -6.65
C VAL A 132 6.77 -12.61 -6.21
N SER A 133 5.87 -11.63 -6.27
CA SER A 133 6.15 -10.25 -5.90
C SER A 133 6.80 -10.20 -4.53
N THR A 134 6.33 -11.08 -3.66
CA THR A 134 6.91 -11.21 -2.35
C THR A 134 8.38 -11.52 -2.45
N VAL A 135 8.71 -12.68 -3.04
CA VAL A 135 10.10 -13.14 -3.10
C VAL A 135 11.03 -12.12 -3.77
N LEU A 136 10.57 -11.55 -4.88
CA LEU A 136 11.34 -10.53 -5.58
C LEU A 136 11.63 -9.40 -4.61
N THR A 137 10.63 -9.01 -3.83
CA THR A 137 10.77 -7.94 -2.85
C THR A 137 11.69 -8.32 -1.67
N SER A 138 12.14 -9.57 -1.64
CA SER A 138 12.88 -10.13 -0.49
C SER A 138 14.19 -9.42 -0.06
N LYS A 139 15.08 -9.18 -1.02
CA LYS A 139 16.52 -9.05 -0.73
C LYS A 139 17.07 -7.71 -0.26
N TYR A 140 16.20 -6.79 0.18
CA TYR A 140 16.69 -5.50 0.71
C TYR A 140 16.11 -5.20 2.08
N ARG A 141 15.18 -6.06 2.52
CA ARG A 141 14.54 -5.96 3.83
C ARG A 141 15.13 -6.99 4.81
N VAL B 1 -11.00 14.07 -13.19
CA VAL B 1 -9.56 14.26 -13.54
C VAL B 1 -9.42 14.51 -15.04
N HIS B 2 -8.36 15.23 -15.42
CA HIS B 2 -8.02 15.43 -16.83
C HIS B 2 -8.43 14.08 -17.40
N LEU B 3 -9.20 14.13 -18.47
CA LEU B 3 -9.31 13.11 -19.48
C LEU B 3 -9.43 13.83 -20.80
N THR B 4 -8.47 13.59 -21.69
CA THR B 4 -8.46 14.20 -23.00
C THR B 4 -9.76 13.92 -23.72
N ASP B 5 -10.19 14.85 -24.56
CA ASP B 5 -11.49 14.72 -25.22
C ASP B 5 -11.59 13.39 -25.95
N ALA B 6 -10.44 12.90 -26.37
CA ALA B 6 -10.25 11.53 -26.86
C ALA B 6 -10.42 10.51 -25.75
N GLU B 7 -10.11 10.89 -24.52
CA GLU B 7 -10.17 9.98 -23.39
C GLU B 7 -11.58 9.76 -22.80
N LYS B 8 -12.38 10.84 -22.74
CA LYS B 8 -13.78 10.71 -22.33
C LYS B 8 -14.59 10.09 -23.48
N ALA B 9 -13.98 10.02 -24.65
CA ALA B 9 -14.64 9.48 -25.81
C ALA B 9 -14.79 7.98 -25.64
N ALA B 10 -13.72 7.36 -25.13
CA ALA B 10 -13.61 5.91 -25.05
C ALA B 10 -14.25 5.41 -23.78
N VAL B 11 -14.35 6.31 -22.81
CA VAL B 11 -14.99 6.05 -21.54
C VAL B 11 -16.47 5.84 -21.79
N SER B 12 -16.96 6.50 -22.83
CA SER B 12 -18.36 6.67 -23.13
C SER B 12 -18.95 5.55 -23.99
N CYS B 13 -18.22 5.13 -24.98
CA CYS B 13 -18.64 4.08 -25.83
C CYS B 13 -18.53 2.74 -25.17
N LEU B 14 -17.48 2.54 -24.41
CA LEU B 14 -17.25 1.30 -23.66
C LEU B 14 -18.24 1.07 -22.55
N TRP B 15 -18.47 2.11 -21.74
CA TRP B 15 -19.46 2.04 -20.69
C TRP B 15 -20.87 1.95 -21.26
N GLY B 16 -21.04 2.41 -22.50
CA GLY B 16 -22.28 2.19 -23.24
C GLY B 16 -22.37 0.76 -23.71
N LYS B 17 -21.29 0.29 -24.35
CA LYS B 17 -21.27 -1.06 -24.91
C LYS B 17 -21.38 -2.18 -23.88
N VAL B 18 -21.47 -1.82 -22.61
CA VAL B 18 -21.33 -2.75 -21.50
C VAL B 18 -22.54 -2.71 -20.57
N ASN B 19 -23.24 -3.83 -20.46
CA ASN B 19 -24.42 -3.93 -19.61
C ASN B 19 -24.44 -2.85 -18.54
N SER B 20 -23.63 -3.02 -17.51
CA SER B 20 -23.55 -2.06 -16.41
C SER B 20 -24.18 -2.53 -15.10
N ASP B 21 -24.93 -3.62 -15.17
CA ASP B 21 -25.44 -4.31 -13.99
C ASP B 21 -24.60 -5.38 -13.39
N GLU B 22 -24.11 -6.28 -14.19
CA GLU B 22 -23.44 -7.41 -13.60
C GLU B 22 -21.99 -7.05 -13.37
N VAL B 23 -21.69 -5.97 -13.93
CA VAL B 23 -20.33 -5.52 -13.70
C VAL B 23 -20.13 -5.28 -12.22
N GLY B 24 -21.05 -4.53 -11.62
CA GLY B 24 -20.96 -4.20 -10.20
C GLY B 24 -21.03 -5.43 -9.32
N GLY B 25 -21.99 -6.30 -9.62
CA GLY B 25 -22.17 -7.56 -8.92
C GLY B 25 -21.02 -8.50 -9.17
N GLU B 26 -20.53 -8.51 -10.41
CA GLU B 26 -19.40 -9.36 -10.76
C GLU B 26 -18.15 -8.71 -10.19
N ALA B 27 -18.16 -7.38 -10.14
CA ALA B 27 -17.06 -6.64 -9.56
C ALA B 27 -17.03 -6.90 -8.06
N LEU B 28 -18.18 -6.70 -7.42
CA LEU B 28 -18.25 -6.74 -5.97
C LEU B 28 -17.85 -8.11 -5.47
N GLY B 29 -18.62 -9.12 -5.89
CA GLY B 29 -18.44 -10.50 -5.44
C GLY B 29 -16.99 -10.96 -5.57
N ARG B 30 -16.30 -10.43 -6.58
CA ARG B 30 -14.89 -10.73 -6.80
C ARG B 30 -14.02 -10.19 -5.68
N LEU B 31 -14.36 -9.00 -5.19
CA LEU B 31 -13.63 -8.36 -4.15
C LEU B 31 -13.58 -9.28 -2.92
N LEU B 32 -14.75 -9.72 -2.47
CA LEU B 32 -14.81 -10.53 -1.26
C LEU B 32 -14.43 -11.99 -1.46
N VAL B 33 -14.16 -12.39 -2.71
CA VAL B 33 -13.61 -13.72 -3.00
C VAL B 33 -12.10 -13.61 -3.03
N VAL B 34 -11.63 -12.61 -3.79
CA VAL B 34 -10.23 -12.21 -3.90
C VAL B 34 -9.61 -11.74 -2.58
N TYR B 35 -10.28 -10.81 -1.90
CA TYR B 35 -9.78 -10.25 -0.66
C TYR B 35 -11.01 -10.56 0.19
N PRO B 36 -10.98 -11.68 0.91
CA PRO B 36 -12.12 -12.04 1.78
C PRO B 36 -12.23 -11.16 3.04
N TRP B 37 -11.13 -10.61 3.54
CA TRP B 37 -11.24 -9.90 4.81
C TRP B 37 -12.18 -8.72 4.74
N THR B 38 -12.69 -8.46 3.54
CA THR B 38 -13.52 -7.31 3.25
C THR B 38 -14.99 -7.65 3.42
N GLN B 39 -15.27 -8.92 3.64
CA GLN B 39 -16.63 -9.36 3.84
C GLN B 39 -17.12 -9.01 5.27
N ARG B 40 -16.18 -8.71 6.18
CA ARG B 40 -16.53 -8.32 7.55
C ARG B 40 -17.54 -7.18 7.65
N TYR B 41 -17.70 -6.44 6.55
CA TYR B 41 -18.68 -5.37 6.47
C TYR B 41 -19.95 -5.89 5.77
N PHE B 42 -20.11 -7.21 5.70
CA PHE B 42 -21.22 -7.77 4.93
C PHE B 42 -21.88 -9.01 5.56
N ASP B 43 -21.76 -9.23 6.87
CA ASP B 43 -22.31 -10.47 7.48
C ASP B 43 -23.83 -10.59 7.54
N SER B 44 -24.52 -9.64 6.89
CA SER B 44 -25.98 -9.59 6.80
C SER B 44 -26.41 -10.00 5.39
N PHE B 45 -25.42 -10.35 4.57
CA PHE B 45 -25.67 -10.99 3.29
C PHE B 45 -25.66 -12.48 3.56
N GLY B 46 -25.60 -12.83 4.83
CA GLY B 46 -25.51 -14.20 5.21
C GLY B 46 -24.39 -14.86 4.45
N ASP B 47 -24.68 -16.05 3.95
CA ASP B 47 -23.73 -16.96 3.32
C ASP B 47 -22.70 -16.37 2.38
N LEU B 48 -21.53 -16.03 2.92
CA LEU B 48 -20.40 -15.70 2.09
C LEU B 48 -19.34 -16.78 2.34
N SER B 49 -19.81 -18.02 2.39
CA SER B 49 -18.98 -19.20 2.59
C SER B 49 -17.89 -19.33 1.53
N SER B 50 -18.28 -19.31 0.26
CA SER B 50 -17.35 -19.63 -0.83
C SER B 50 -17.64 -18.80 -2.05
N ALA B 51 -16.71 -18.81 -3.01
CA ALA B 51 -16.86 -18.10 -4.29
C ALA B 51 -18.23 -18.25 -4.97
N SER B 52 -18.72 -19.48 -5.01
CA SER B 52 -20.05 -19.81 -5.51
C SER B 52 -21.20 -19.00 -4.90
N ALA B 53 -21.37 -19.14 -3.59
CA ALA B 53 -22.41 -18.46 -2.87
C ALA B 53 -22.12 -17.00 -3.02
N ILE B 54 -20.84 -16.64 -2.91
CA ILE B 54 -20.47 -15.25 -2.92
C ILE B 54 -21.02 -14.66 -4.20
N MET B 55 -20.69 -15.27 -5.33
CA MET B 55 -21.24 -14.81 -6.60
C MET B 55 -22.77 -14.89 -6.63
N GLY B 56 -23.30 -16.04 -6.21
CA GLY B 56 -24.76 -16.28 -6.17
C GLY B 56 -25.42 -15.90 -4.85
N ASN B 57 -25.61 -14.61 -4.66
CA ASN B 57 -26.13 -14.05 -3.44
C ASN B 57 -26.85 -12.82 -3.91
N ALA B 58 -28.17 -12.79 -3.78
CA ALA B 58 -28.94 -11.70 -4.33
C ALA B 58 -28.58 -10.32 -3.76
N LYS B 59 -28.16 -10.28 -2.50
CA LYS B 59 -27.74 -9.02 -1.86
C LYS B 59 -26.31 -8.62 -2.27
N VAL B 60 -25.46 -9.58 -2.61
CA VAL B 60 -24.18 -9.21 -3.21
C VAL B 60 -24.49 -8.53 -4.55
N LYS B 61 -25.37 -9.19 -5.30
CA LYS B 61 -25.84 -8.72 -6.59
C LYS B 61 -26.54 -7.37 -6.48
N ALA B 62 -27.48 -7.25 -5.54
CA ALA B 62 -28.30 -6.04 -5.43
C ALA B 62 -27.48 -4.81 -5.03
N HIS B 63 -26.48 -5.01 -4.18
CA HIS B 63 -25.58 -3.93 -3.78
C HIS B 63 -24.67 -3.55 -4.94
N GLY B 64 -24.22 -4.58 -5.67
CA GLY B 64 -23.41 -4.37 -6.85
C GLY B 64 -24.02 -3.36 -7.80
N LYS B 65 -25.31 -3.54 -8.11
CA LYS B 65 -25.99 -2.60 -8.97
C LYS B 65 -25.82 -1.26 -8.27
N LYS B 66 -26.08 -1.27 -6.96
CA LYS B 66 -26.10 -0.07 -6.14
C LYS B 66 -24.81 0.71 -6.28
N VAL B 67 -23.68 0.01 -6.15
CA VAL B 67 -22.36 0.63 -6.28
C VAL B 67 -22.12 1.34 -7.60
N ILE B 68 -22.23 0.59 -8.70
CA ILE B 68 -22.01 1.13 -10.03
C ILE B 68 -22.99 2.25 -10.35
N THR B 69 -24.28 2.01 -10.15
CA THR B 69 -25.28 3.04 -10.46
C THR B 69 -24.77 4.40 -9.99
N ALA B 70 -24.13 4.39 -8.83
CA ALA B 70 -23.41 5.55 -8.30
C ALA B 70 -21.97 5.61 -8.81
N PHE B 71 -21.45 4.48 -9.28
CA PHE B 71 -20.16 4.47 -9.97
C PHE B 71 -20.32 5.10 -11.35
N ASN B 72 -21.56 5.07 -11.84
CA ASN B 72 -21.93 5.70 -13.09
C ASN B 72 -22.18 7.18 -12.86
N ASP B 73 -22.77 7.51 -11.71
CA ASP B 73 -22.99 8.91 -11.30
C ASP B 73 -21.75 9.77 -11.49
N GLY B 74 -20.58 9.17 -11.21
CA GLY B 74 -19.28 9.84 -11.39
C GLY B 74 -18.80 9.90 -12.82
N LEU B 75 -19.18 8.91 -13.63
CA LEU B 75 -18.85 8.89 -15.06
C LEU B 75 -19.56 10.02 -15.76
N ASN B 76 -20.79 10.28 -15.33
CA ASN B 76 -21.49 11.49 -15.69
C ASN B 76 -21.40 12.53 -14.58
N HIS B 77 -20.19 13.06 -14.38
CA HIS B 77 -19.90 14.10 -13.37
C HIS B 77 -18.37 14.28 -13.23
N LEU B 78 -17.61 13.72 -14.16
CA LEU B 78 -16.16 13.50 -13.99
C LEU B 78 -15.37 14.58 -13.23
N ASP B 79 -15.51 15.83 -13.67
CA ASP B 79 -14.77 16.95 -13.09
C ASP B 79 -15.32 17.26 -11.71
N SER B 80 -16.64 17.24 -11.62
CA SER B 80 -17.40 17.51 -10.40
C SER B 80 -17.32 16.33 -9.44
N LEU B 81 -16.23 15.57 -9.53
CA LEU B 81 -16.10 14.28 -8.86
C LEU B 81 -16.25 14.29 -7.34
N LYS B 82 -16.41 15.46 -6.75
CA LYS B 82 -16.51 15.57 -5.30
C LYS B 82 -17.89 15.30 -4.70
N GLY B 83 -18.75 16.31 -4.75
CA GLY B 83 -20.01 16.30 -3.96
C GLY B 83 -20.94 15.10 -4.08
N THR B 84 -20.96 14.48 -5.27
CA THR B 84 -21.66 13.22 -5.51
C THR B 84 -21.54 12.33 -4.28
N PHE B 85 -20.29 12.02 -3.95
CA PHE B 85 -19.95 11.19 -2.84
C PHE B 85 -19.87 11.97 -1.53
N ALA B 86 -20.46 13.16 -1.48
CA ALA B 86 -20.32 14.01 -0.30
C ALA B 86 -20.71 13.17 0.90
N SER B 87 -21.97 12.76 0.92
CA SER B 87 -22.41 11.62 1.69
C SER B 87 -21.94 10.43 0.87
N LEU B 88 -21.75 9.28 1.52
CA LEU B 88 -21.14 8.14 0.86
C LEU B 88 -19.63 7.91 0.95
N SER B 89 -18.90 8.99 1.17
CA SER B 89 -17.56 9.01 1.73
C SER B 89 -17.79 8.96 3.21
N GLU B 90 -19.03 9.30 3.58
CA GLU B 90 -19.45 9.48 4.96
C GLU B 90 -19.80 8.16 5.59
N LEU B 91 -20.70 7.43 4.95
CA LEU B 91 -21.04 6.08 5.35
C LEU B 91 -19.77 5.22 5.37
N HIS B 92 -19.12 5.16 4.23
CA HIS B 92 -17.96 4.35 4.05
C HIS B 92 -16.73 4.96 4.74
N CYS B 93 -16.77 5.11 6.07
CA CYS B 93 -15.65 5.60 6.89
C CYS B 93 -16.14 6.00 8.29
N ASP B 94 -17.40 6.48 8.35
CA ASP B 94 -18.01 6.94 9.59
C ASP B 94 -19.14 6.11 10.21
N LYS B 95 -19.99 5.51 9.38
CA LYS B 95 -21.05 4.61 9.84
C LYS B 95 -20.80 3.14 9.50
N LEU B 96 -19.75 2.89 8.71
CA LEU B 96 -19.47 1.51 8.27
C LEU B 96 -18.03 1.13 8.41
N HIS B 97 -17.25 2.12 8.81
CA HIS B 97 -15.86 2.00 9.26
C HIS B 97 -14.90 1.42 8.23
N VAL B 98 -15.11 1.77 6.96
CA VAL B 98 -14.36 1.16 5.87
C VAL B 98 -12.94 1.71 5.77
N ASP B 99 -12.02 0.86 5.33
CA ASP B 99 -10.66 1.29 5.08
C ASP B 99 -10.55 1.74 3.64
N PRO B 100 -10.15 3.00 3.43
CA PRO B 100 -10.14 3.71 2.16
C PRO B 100 -9.21 3.11 1.11
N GLU B 101 -8.29 2.26 1.55
CA GLU B 101 -7.46 1.53 0.62
C GLU B 101 -8.41 0.63 -0.16
N ASN B 102 -9.47 0.19 0.49
CA ASN B 102 -10.36 -0.76 -0.14
C ASN B 102 -11.20 -0.15 -1.27
N PHE B 103 -11.18 1.18 -1.36
CA PHE B 103 -11.86 1.86 -2.47
C PHE B 103 -11.13 1.62 -3.77
N ARG B 104 -9.80 1.60 -3.69
CA ARG B 104 -8.91 1.29 -4.81
C ARG B 104 -9.10 -0.15 -5.21
N LEU B 105 -9.11 -1.01 -4.20
CA LEU B 105 -9.21 -2.44 -4.38
C LEU B 105 -10.46 -2.86 -5.14
N LEU B 106 -11.58 -2.19 -4.85
CA LEU B 106 -12.82 -2.33 -5.60
C LEU B 106 -12.65 -1.64 -6.94
N GLY B 107 -11.90 -0.56 -6.93
CA GLY B 107 -11.66 0.20 -8.13
C GLY B 107 -10.96 -0.74 -9.09
N ASN B 108 -9.83 -1.25 -8.65
CA ASN B 108 -9.09 -2.21 -9.45
C ASN B 108 -9.90 -3.44 -9.87
N MET B 109 -10.89 -3.84 -9.07
CA MET B 109 -11.76 -4.97 -9.44
C MET B 109 -12.72 -4.67 -10.61
N ILE B 110 -13.32 -3.49 -10.58
CA ILE B 110 -14.13 -2.95 -11.67
C ILE B 110 -13.31 -2.92 -12.95
N VAL B 111 -12.06 -2.45 -12.86
CA VAL B 111 -11.15 -2.43 -14.03
C VAL B 111 -11.00 -3.78 -14.70
N ILE B 112 -10.78 -4.83 -13.90
CA ILE B 112 -10.68 -6.22 -14.37
C ILE B 112 -12.00 -6.73 -14.94
N VAL B 113 -13.13 -6.30 -14.37
CA VAL B 113 -14.43 -6.78 -14.86
C VAL B 113 -14.78 -6.14 -16.21
N LEU B 114 -14.40 -4.88 -16.37
CA LEU B 114 -14.58 -4.20 -17.64
C LEU B 114 -13.80 -4.87 -18.78
N GLY B 115 -12.75 -5.60 -18.44
CA GLY B 115 -11.93 -6.27 -19.43
C GLY B 115 -12.22 -7.74 -19.57
N HIS B 116 -12.85 -8.31 -18.56
CA HIS B 116 -13.48 -9.62 -18.65
C HIS B 116 -14.56 -9.52 -19.74
N HIS B 117 -15.42 -8.52 -19.59
CA HIS B 117 -16.64 -8.34 -20.38
C HIS B 117 -16.47 -7.71 -21.76
N LEU B 118 -15.24 -7.40 -22.14
CA LEU B 118 -14.94 -6.64 -23.35
C LEU B 118 -13.84 -7.35 -24.10
N GLY B 119 -13.07 -8.14 -23.37
CA GLY B 119 -11.94 -8.85 -23.95
C GLY B 119 -11.04 -7.95 -24.76
N LYS B 120 -10.98 -8.21 -26.06
CA LYS B 120 -10.07 -7.46 -26.95
C LYS B 120 -10.38 -5.94 -27.11
N ASP B 121 -11.52 -5.48 -26.61
CA ASP B 121 -11.87 -4.08 -26.79
C ASP B 121 -11.32 -3.17 -25.69
N PHE B 122 -10.67 -3.78 -24.70
CA PHE B 122 -10.06 -3.10 -23.58
C PHE B 122 -8.61 -2.91 -24.07
N THR B 123 -8.34 -1.72 -24.59
CA THR B 123 -7.00 -1.33 -25.00
C THR B 123 -6.19 -1.03 -23.74
N PRO B 124 -4.86 -1.20 -23.77
CA PRO B 124 -4.09 -0.64 -22.67
C PRO B 124 -4.46 0.82 -22.51
N ALA B 125 -4.68 1.50 -23.63
CA ALA B 125 -5.15 2.88 -23.58
C ALA B 125 -6.56 2.99 -22.97
N ALA B 126 -7.54 2.29 -23.54
CA ALA B 126 -8.90 2.32 -22.98
C ALA B 126 -8.89 1.94 -21.52
N GLN B 127 -7.95 1.07 -21.16
CA GLN B 127 -7.79 0.64 -19.79
C GLN B 127 -7.31 1.80 -18.94
N ALA B 128 -6.35 2.53 -19.49
CA ALA B 128 -5.74 3.64 -18.78
C ALA B 128 -6.75 4.78 -18.61
N ALA B 129 -7.75 4.83 -19.47
CA ALA B 129 -8.83 5.80 -19.35
C ALA B 129 -9.55 5.56 -18.04
N PHE B 130 -10.02 4.33 -17.89
CA PHE B 130 -10.74 3.89 -16.70
C PHE B 130 -9.91 3.93 -15.44
N GLN B 131 -8.60 3.72 -15.54
CA GLN B 131 -7.77 3.74 -14.34
C GLN B 131 -7.81 5.09 -13.61
N LYS B 132 -7.81 6.16 -14.38
CA LYS B 132 -7.97 7.51 -13.86
C LYS B 132 -9.39 7.66 -13.35
N VAL B 133 -10.32 7.04 -14.08
CA VAL B 133 -11.73 7.06 -13.76
C VAL B 133 -11.96 6.39 -12.42
N VAL B 134 -11.33 5.23 -12.23
CA VAL B 134 -11.40 4.49 -10.99
C VAL B 134 -10.74 5.30 -9.89
N ALA B 135 -9.49 5.69 -10.12
CA ALA B 135 -8.72 6.40 -9.13
C ALA B 135 -9.49 7.62 -8.65
N GLY B 136 -10.17 8.30 -9.58
CA GLY B 136 -10.87 9.53 -9.27
C GLY B 136 -11.97 9.34 -8.25
N VAL B 137 -12.89 8.43 -8.55
CA VAL B 137 -13.93 7.99 -7.62
C VAL B 137 -13.31 7.46 -6.33
N ALA B 138 -12.37 6.53 -6.45
CA ALA B 138 -11.72 5.89 -5.30
C ALA B 138 -11.14 6.92 -4.37
N THR B 139 -10.54 7.95 -4.97
CA THR B 139 -9.95 9.05 -4.24
C THR B 139 -11.04 9.93 -3.69
N ALA B 140 -12.13 10.03 -4.43
CA ALA B 140 -13.24 10.91 -4.09
C ALA B 140 -14.12 10.27 -3.06
N LEU B 141 -13.85 9.01 -2.76
CA LEU B 141 -14.64 8.24 -1.79
C LEU B 141 -14.01 8.26 -0.43
N ALA B 142 -12.71 8.49 -0.39
CA ALA B 142 -11.95 8.51 0.86
C ALA B 142 -11.38 9.90 1.03
N HIS B 143 -12.27 10.86 1.19
CA HIS B 143 -11.87 12.26 1.26
C HIS B 143 -12.30 12.88 2.56
N LYS B 144 -13.41 12.37 3.08
CA LYS B 144 -13.94 12.77 4.38
C LYS B 144 -12.90 12.21 5.33
N TYR B 145 -12.22 13.10 6.06
CA TYR B 145 -11.19 12.71 7.01
C TYR B 145 -10.72 13.73 8.08
N HIS B 146 -11.65 14.50 8.65
CA HIS B 146 -11.34 15.40 9.75
C HIS B 146 -12.20 15.09 10.97
N VAL C 1 13.88 -13.67 5.74
CA VAL C 1 14.70 -12.84 4.80
C VAL C 1 15.55 -11.85 5.58
N LEU C 2 15.30 -11.80 6.89
CA LEU C 2 15.96 -10.87 7.82
C LEU C 2 17.41 -11.24 8.03
N SER C 3 17.97 -10.75 9.14
CA SER C 3 19.29 -11.16 9.62
C SER C 3 20.35 -10.45 8.79
N GLY C 4 21.60 -10.89 8.87
CA GLY C 4 22.04 -11.99 9.74
C GLY C 4 22.47 -11.34 11.03
N GLU C 5 22.97 -10.12 10.85
CA GLU C 5 23.28 -9.20 11.94
C GLU C 5 22.05 -8.35 12.30
N ASP C 6 20.90 -8.72 11.77
CA ASP C 6 19.66 -7.97 12.02
C ASP C 6 19.03 -8.39 13.34
N LYS C 7 19.08 -9.70 13.60
CA LYS C 7 18.60 -10.28 14.86
C LYS C 7 19.36 -9.70 16.06
N SER C 8 20.66 -9.51 15.90
CA SER C 8 21.48 -8.92 16.94
C SER C 8 20.92 -7.58 17.39
N ASN C 9 20.66 -6.69 16.43
CA ASN C 9 20.15 -5.35 16.69
C ASN C 9 18.74 -5.37 17.25
N ILE C 10 17.88 -6.16 16.61
CA ILE C 10 16.53 -6.39 17.09
C ILE C 10 16.61 -6.67 18.57
N LYS C 11 17.28 -7.76 18.91
CA LYS C 11 17.48 -8.16 20.29
C LYS C 11 18.17 -7.02 21.05
N ALA C 12 19.29 -6.53 20.49
CA ALA C 12 20.06 -5.47 21.11
C ALA C 12 19.14 -4.33 21.52
N ALA C 13 18.43 -3.77 20.53
CA ALA C 13 17.54 -2.63 20.71
C ALA C 13 16.33 -2.99 21.54
N TRP C 14 15.82 -4.19 21.31
CA TRP C 14 14.71 -4.70 22.10
C TRP C 14 15.21 -4.95 23.52
N GLY C 15 16.54 -4.86 23.68
CA GLY C 15 17.21 -5.03 24.96
C GLY C 15 16.95 -3.90 25.93
N LYS C 16 17.09 -2.66 25.47
CA LYS C 16 16.83 -1.49 26.32
C LYS C 16 15.44 -1.57 26.98
N ILE C 17 14.44 -1.96 26.19
CA ILE C 17 13.00 -1.88 26.53
C ILE C 17 12.61 -2.56 27.86
N GLY C 18 12.92 -3.85 27.97
CA GLY C 18 12.63 -4.63 29.18
C GLY C 18 11.22 -4.50 29.72
N GLY C 19 11.13 -4.30 31.04
CA GLY C 19 9.87 -4.17 31.76
C GLY C 19 8.99 -3.06 31.21
N HIS C 20 9.61 -2.09 30.56
CA HIS C 20 8.88 -1.01 29.91
C HIS C 20 8.07 -1.48 28.69
N GLY C 21 8.34 -2.69 28.23
CA GLY C 21 7.68 -3.27 27.05
C GLY C 21 6.17 -3.15 26.96
N ALA C 22 5.46 -3.72 27.93
CA ALA C 22 3.99 -3.74 27.94
C ALA C 22 3.39 -2.36 27.67
N GLU C 23 3.92 -1.36 28.37
CA GLU C 23 3.37 0.01 28.40
C GLU C 23 3.41 0.68 27.04
N TYR C 24 4.46 0.40 26.29
CA TYR C 24 4.63 0.96 24.96
C TYR C 24 3.44 0.64 24.08
N GLY C 25 3.26 -0.64 23.78
CA GLY C 25 2.15 -1.07 22.94
C GLY C 25 0.92 -0.27 23.30
N ALA C 26 0.66 -0.20 24.60
CA ALA C 26 -0.53 0.45 25.08
C ALA C 26 -0.67 1.84 24.49
N GLU C 27 0.38 2.65 24.55
CA GLU C 27 0.26 4.03 24.03
C GLU C 27 0.26 4.06 22.52
N ALA C 28 1.09 3.21 21.91
CA ALA C 28 1.09 3.10 20.46
C ALA C 28 -0.34 2.94 19.97
N LEU C 29 -1.08 2.01 20.59
CA LEU C 29 -2.47 1.79 20.25
C LEU C 29 -3.24 3.10 20.30
N GLU C 30 -3.04 3.87 21.35
CA GLU C 30 -3.71 5.14 21.49
C GLU C 30 -3.37 6.00 20.29
N ARG C 31 -2.08 6.03 19.93
CA ARG C 31 -1.59 6.81 18.80
C ARG C 31 -2.36 6.44 17.56
N MET C 32 -2.37 5.13 17.28
CA MET C 32 -3.14 4.57 16.17
C MET C 32 -4.50 5.20 16.17
N PHE C 33 -5.30 4.87 17.19
CA PHE C 33 -6.66 5.37 17.32
C PHE C 33 -6.77 6.88 17.18
N ALA C 34 -5.72 7.60 17.55
CA ALA C 34 -5.67 9.02 17.24
C ALA C 34 -5.33 9.21 15.77
N SER C 35 -4.23 8.63 15.31
CA SER C 35 -3.83 8.81 13.92
C SER C 35 -4.75 8.13 12.89
N PHE C 36 -5.16 6.92 13.16
CA PHE C 36 -5.98 6.23 12.20
C PHE C 36 -7.20 5.81 12.98
N PRO C 37 -8.22 6.68 12.92
CA PRO C 37 -9.45 6.50 13.66
C PRO C 37 -10.15 5.18 13.37
N THR C 38 -10.32 4.84 12.10
CA THR C 38 -11.07 3.64 11.72
C THR C 38 -10.51 2.37 12.33
N THR C 39 -9.28 2.43 12.83
CA THR C 39 -8.65 1.30 13.46
C THR C 39 -9.36 0.91 14.73
N LYS C 40 -9.89 1.95 15.40
CA LYS C 40 -10.72 1.87 16.59
C LYS C 40 -11.81 0.84 16.48
N THR C 41 -12.42 0.75 15.31
CA THR C 41 -13.60 -0.11 15.17
C THR C 41 -13.28 -1.57 15.25
N TYR C 42 -12.03 -1.89 15.50
CA TYR C 42 -11.67 -3.26 15.76
C TYR C 42 -11.78 -3.50 17.26
N PHE C 43 -12.07 -2.43 18.00
CA PHE C 43 -12.17 -2.47 19.46
C PHE C 43 -13.41 -1.69 19.89
N PRO C 44 -14.61 -2.20 19.56
CA PRO C 44 -15.87 -1.57 19.94
C PRO C 44 -16.11 -1.64 21.42
N HIS C 45 -15.66 -2.74 22.02
CA HIS C 45 -15.83 -3.03 23.45
C HIS C 45 -14.85 -2.28 24.36
N PHE C 46 -13.62 -2.07 23.91
CA PHE C 46 -12.66 -1.24 24.63
C PHE C 46 -13.18 0.15 24.81
N ASP C 47 -12.88 0.71 25.98
CA ASP C 47 -12.85 2.16 26.21
C ASP C 47 -11.51 2.61 25.67
N VAL C 48 -11.52 3.68 24.87
CA VAL C 48 -10.31 4.13 24.14
C VAL C 48 -9.69 5.42 24.71
N SER C 49 -10.12 5.81 25.89
CA SER C 49 -9.65 7.04 26.53
C SER C 49 -8.19 6.94 26.93
N HIS C 50 -7.56 8.11 27.03
CA HIS C 50 -6.12 8.18 27.15
C HIS C 50 -5.59 7.10 28.08
N GLY C 51 -6.23 6.97 29.24
CA GLY C 51 -5.85 5.96 30.20
C GLY C 51 -6.89 4.87 30.23
N SER C 52 -6.45 3.63 30.10
CA SER C 52 -7.39 2.51 30.04
C SER C 52 -6.76 1.26 30.60
N ALA C 53 -7.49 0.59 31.48
CA ALA C 53 -7.04 -0.70 31.92
C ALA C 53 -7.24 -1.58 30.71
N GLN C 54 -8.17 -1.16 29.85
CA GLN C 54 -8.57 -2.01 28.73
C GLN C 54 -7.52 -2.04 27.62
N VAL C 55 -6.97 -0.87 27.28
CA VAL C 55 -5.89 -0.81 26.28
C VAL C 55 -4.52 -1.22 26.86
N LYS C 56 -4.30 -0.94 28.14
CA LYS C 56 -3.11 -1.42 28.83
C LYS C 56 -3.27 -2.91 28.97
N GLY C 57 -4.53 -3.35 28.93
CA GLY C 57 -4.87 -4.75 29.11
C GLY C 57 -4.49 -5.64 27.94
N HIS C 58 -4.84 -5.19 26.74
CA HIS C 58 -4.49 -5.89 25.50
C HIS C 58 -3.06 -5.58 25.07
N GLY C 59 -2.67 -4.31 25.16
CA GLY C 59 -1.33 -3.84 24.85
C GLY C 59 -0.21 -4.70 25.41
N LYS C 60 -0.27 -5.01 26.70
CA LYS C 60 0.78 -5.82 27.32
C LYS C 60 0.95 -7.11 26.55
N LYS C 61 -0.16 -7.68 26.09
CA LYS C 61 -0.11 -8.94 25.37
C LYS C 61 0.28 -8.73 23.90
N VAL C 62 0.04 -7.53 23.39
CA VAL C 62 0.65 -7.13 22.13
C VAL C 62 2.15 -7.23 22.35
N ALA C 63 2.64 -6.41 23.28
CA ALA C 63 4.06 -6.26 23.60
C ALA C 63 4.77 -7.58 23.94
N ASP C 64 4.08 -8.44 24.69
CA ASP C 64 4.55 -9.79 24.93
C ASP C 64 4.83 -10.47 23.60
N ALA C 65 3.81 -10.49 22.75
CA ALA C 65 3.84 -11.31 21.54
C ALA C 65 5.08 -11.05 20.69
N LEU C 66 5.43 -9.78 20.56
CA LEU C 66 6.63 -9.37 19.85
C LEU C 66 7.86 -9.78 20.65
N ALA C 67 7.78 -9.56 21.97
CA ALA C 67 8.86 -9.88 22.88
C ALA C 67 9.15 -11.35 22.75
N SER C 68 8.09 -12.11 22.51
CA SER C 68 8.24 -13.53 22.25
C SER C 68 8.95 -13.73 20.91
N ALA C 69 8.57 -12.91 19.93
CA ALA C 69 9.11 -12.98 18.57
C ALA C 69 10.61 -12.72 18.55
N ALA C 70 11.03 -11.76 19.35
CA ALA C 70 12.42 -11.34 19.48
C ALA C 70 13.31 -12.45 20.03
N GLY C 71 12.70 -13.55 20.45
CA GLY C 71 13.44 -14.68 21.02
C GLY C 71 13.36 -15.93 20.20
N HIS C 72 12.68 -15.86 19.06
CA HIS C 72 12.47 -17.02 18.18
C HIS C 72 12.35 -16.62 16.71
N LEU C 73 13.39 -15.96 16.19
CA LEU C 73 13.35 -15.37 14.86
C LEU C 73 13.64 -16.34 13.72
N ASP C 74 14.15 -17.52 14.06
CA ASP C 74 14.45 -18.58 13.09
C ASP C 74 13.18 -19.18 12.50
N ASP C 75 12.11 -19.19 13.33
CA ASP C 75 10.71 -19.30 12.87
C ASP C 75 9.85 -18.46 13.84
N LEU C 76 9.28 -17.37 13.30
CA LEU C 76 8.26 -16.60 13.99
C LEU C 76 6.85 -17.00 13.58
N PRO C 77 6.64 -17.45 12.32
CA PRO C 77 5.35 -18.03 11.99
C PRO C 77 4.91 -18.99 13.08
N GLY C 78 5.73 -20.02 13.30
CA GLY C 78 5.51 -21.05 14.32
C GLY C 78 5.13 -20.55 15.70
N ALA C 79 5.70 -19.42 16.11
CA ALA C 79 5.35 -18.84 17.40
C ALA C 79 4.05 -18.06 17.26
N LEU C 80 4.03 -17.13 16.31
CA LEU C 80 2.92 -16.22 16.15
C LEU C 80 1.71 -16.98 15.62
N SER C 81 1.88 -18.30 15.53
CA SER C 81 0.90 -19.17 14.94
C SER C 81 -0.47 -19.05 15.60
N ALA C 82 -0.48 -18.88 16.92
CA ALA C 82 -1.73 -18.66 17.64
C ALA C 82 -2.45 -17.44 17.02
N LEU C 83 -1.81 -16.30 17.11
CA LEU C 83 -2.38 -15.04 16.62
C LEU C 83 -2.56 -15.04 15.10
N SER C 84 -2.20 -16.14 14.45
CA SER C 84 -2.05 -16.16 12.99
C SER C 84 -3.37 -16.14 12.22
N ASP C 85 -4.27 -17.05 12.59
CA ASP C 85 -5.57 -17.14 11.92
C ASP C 85 -6.57 -16.34 12.75
N LEU C 86 -6.24 -16.19 14.03
CA LEU C 86 -7.03 -15.38 14.92
C LEU C 86 -7.34 -14.04 14.28
N HIS C 87 -6.31 -13.44 13.67
CA HIS C 87 -6.49 -12.17 12.98
C HIS C 87 -7.11 -12.33 11.58
N ALA C 88 -7.06 -13.56 11.05
CA ALA C 88 -7.39 -13.81 9.65
C ALA C 88 -8.83 -14.17 9.36
N HIS C 89 -9.37 -15.13 10.11
CA HIS C 89 -10.75 -15.57 9.91
C HIS C 89 -11.70 -15.34 11.08
N LYS C 90 -11.12 -15.28 12.28
CA LYS C 90 -11.83 -14.95 13.49
C LYS C 90 -12.06 -13.45 13.56
N LEU C 91 -10.98 -12.68 13.50
CA LEU C 91 -11.04 -11.23 13.72
C LEU C 91 -11.21 -10.41 12.45
N ARG C 92 -10.73 -10.95 11.31
CA ARG C 92 -10.84 -10.31 9.99
C ARG C 92 -10.23 -8.93 9.90
N VAL C 93 -9.01 -8.78 10.42
CA VAL C 93 -8.35 -7.47 10.44
C VAL C 93 -7.70 -7.16 9.09
N ASP C 94 -7.88 -5.90 8.65
CA ASP C 94 -7.38 -5.40 7.39
C ASP C 94 -5.85 -5.30 7.43
N PRO C 95 -5.17 -5.92 6.47
CA PRO C 95 -3.72 -5.84 6.40
C PRO C 95 -3.15 -4.41 6.45
N VAL C 96 -3.87 -3.45 5.91
CA VAL C 96 -3.35 -2.09 5.84
C VAL C 96 -3.08 -1.57 7.25
N ASN C 97 -3.83 -2.08 8.21
CA ASN C 97 -3.72 -1.69 9.60
C ASN C 97 -2.45 -2.13 10.33
N PHE C 98 -1.83 -3.23 9.92
CA PHE C 98 -0.63 -3.69 10.61
C PHE C 98 0.53 -2.73 10.40
N LYS C 99 0.69 -2.24 9.18
CA LYS C 99 1.72 -1.22 8.93
C LYS C 99 1.34 0.06 9.66
N LEU C 100 0.04 0.28 9.81
CA LEU C 100 -0.44 1.39 10.62
C LEU C 100 0.11 1.36 12.04
N LEU C 101 0.06 0.18 12.67
CA LEU C 101 0.55 -0.05 14.04
C LEU C 101 2.06 0.08 14.15
N SER C 102 2.77 -0.64 13.28
CA SER C 102 4.21 -0.54 13.23
C SER C 102 4.62 0.94 13.31
N HIS C 103 4.12 1.74 12.39
CA HIS C 103 4.42 3.16 12.40
C HIS C 103 4.20 3.83 13.77
N CYS C 104 3.09 3.49 14.43
CA CYS C 104 2.77 4.05 15.72
C CYS C 104 3.63 3.46 16.84
N LEU C 105 3.94 2.17 16.76
CA LEU C 105 4.81 1.55 17.73
C LEU C 105 6.21 2.18 17.63
N LEU C 106 6.64 2.46 16.42
CA LEU C 106 7.91 3.13 16.17
C LEU C 106 7.89 4.57 16.65
N VAL C 107 6.74 5.25 16.60
CA VAL C 107 6.69 6.63 17.08
C VAL C 107 6.75 6.64 18.60
N THR C 108 6.28 5.52 19.16
CA THR C 108 6.31 5.27 20.58
C THR C 108 7.74 5.03 21.03
N LEU C 109 8.41 4.05 20.44
CA LEU C 109 9.78 3.69 20.83
C LEU C 109 10.80 4.82 20.73
N ALA C 110 10.56 5.79 19.87
CA ALA C 110 11.48 6.89 19.67
C ALA C 110 11.20 8.09 20.55
N SER C 111 10.10 8.02 21.31
CA SER C 111 9.81 9.03 22.34
C SER C 111 10.49 8.62 23.61
N HIS C 112 10.88 7.35 23.63
CA HIS C 112 11.21 6.67 24.84
C HIS C 112 12.64 6.19 24.82
N HIS C 113 13.18 6.07 23.63
CA HIS C 113 14.58 5.71 23.52
C HIS C 113 15.34 6.62 22.57
N PRO C 114 15.35 7.94 22.87
CA PRO C 114 16.00 8.96 22.05
C PRO C 114 17.47 8.66 21.74
N ALA C 115 18.17 8.01 22.66
CA ALA C 115 19.57 7.71 22.45
C ALA C 115 19.78 6.29 21.91
N ASP C 116 18.71 5.53 21.78
CA ASP C 116 18.87 4.20 21.26
C ASP C 116 18.15 4.08 19.93
N PHE C 117 17.39 5.12 19.58
CA PHE C 117 16.71 5.12 18.30
C PHE C 117 17.58 5.58 17.14
N THR C 118 18.45 4.69 16.69
CA THR C 118 19.41 5.00 15.64
C THR C 118 18.99 4.33 14.34
N PRO C 119 19.49 4.85 13.19
CA PRO C 119 19.07 4.43 11.87
C PRO C 119 19.26 2.94 11.62
N ALA C 120 20.36 2.38 12.11
CA ALA C 120 20.60 0.95 11.98
C ALA C 120 19.54 0.20 12.79
N VAL C 121 19.29 0.71 14.00
CA VAL C 121 18.33 0.15 14.95
C VAL C 121 16.90 0.32 14.44
N HIS C 122 16.54 1.57 14.15
CA HIS C 122 15.25 1.95 13.58
C HIS C 122 14.92 1.03 12.41
N ALA C 123 15.88 0.82 11.52
CA ALA C 123 15.65 -0.04 10.37
C ALA C 123 15.42 -1.47 10.83
N SER C 124 16.30 -1.95 11.73
CA SER C 124 16.27 -3.32 12.19
C SER C 124 14.93 -3.62 12.87
N LEU C 125 14.26 -2.56 13.30
CA LEU C 125 12.95 -2.69 13.91
C LEU C 125 11.81 -2.65 12.88
N ASP C 126 11.93 -1.78 11.87
CA ASP C 126 10.93 -1.73 10.81
C ASP C 126 10.88 -3.11 10.22
N LYS C 127 12.05 -3.67 9.97
CA LYS C 127 12.15 -5.05 9.57
C LYS C 127 11.34 -5.91 10.53
N PHE C 128 11.66 -5.82 11.82
CA PHE C 128 11.16 -6.78 12.81
C PHE C 128 9.69 -6.96 12.61
N LEU C 129 8.99 -5.83 12.66
CA LEU C 129 7.55 -5.80 12.49
C LEU C 129 7.15 -6.30 11.11
N ALA C 130 7.87 -5.85 10.09
CA ALA C 130 7.56 -6.20 8.70
C ALA C 130 7.35 -7.69 8.63
N SER C 131 8.33 -8.44 9.11
CA SER C 131 8.25 -9.90 9.12
C SER C 131 7.08 -10.39 9.98
N VAL C 132 6.86 -9.73 11.12
CA VAL C 132 5.85 -10.13 12.06
C VAL C 132 4.49 -9.87 11.45
N SER C 133 4.24 -8.61 11.08
CA SER C 133 3.03 -8.23 10.35
C SER C 133 2.78 -9.11 9.12
N THR C 134 3.87 -9.49 8.43
CA THR C 134 3.82 -10.40 7.27
C THR C 134 3.46 -11.82 7.67
N VAL C 135 4.22 -12.38 8.62
CA VAL C 135 3.93 -13.68 9.23
C VAL C 135 2.51 -13.69 9.77
N LEU C 136 2.11 -12.59 10.40
CA LEU C 136 0.80 -12.52 10.98
C LEU C 136 -0.22 -12.75 9.89
N THR C 137 -0.09 -12.05 8.76
CA THR C 137 -1.16 -12.01 7.75
C THR C 137 -1.16 -13.13 6.72
N SER C 138 -0.47 -14.21 7.07
CA SER C 138 -0.16 -15.33 6.21
C SER C 138 -1.34 -16.27 6.12
N LYS C 139 -2.41 -15.96 6.83
CA LYS C 139 -3.51 -16.90 6.93
C LYS C 139 -4.78 -16.30 6.34
N TYR C 140 -4.57 -15.24 5.57
CA TYR C 140 -5.60 -14.68 4.73
C TYR C 140 -5.34 -15.30 3.38
N ARG C 141 -4.09 -15.17 2.97
CA ARG C 141 -3.69 -15.41 1.60
C ARG C 141 -2.18 -15.11 1.47
N VAL D 1 -9.68 19.20 6.02
CA VAL D 1 -8.31 18.89 6.51
C VAL D 1 -7.86 19.89 7.59
N HIS D 2 -8.53 21.03 7.66
CA HIS D 2 -8.28 22.05 8.71
C HIS D 2 -8.82 21.61 10.09
N LEU D 3 -8.54 22.38 11.14
CA LEU D 3 -8.90 21.96 12.49
C LEU D 3 -9.16 23.11 13.47
N THR D 4 -9.89 22.82 14.55
CA THR D 4 -9.99 23.75 15.69
C THR D 4 -8.59 23.96 16.26
N ASP D 5 -8.28 25.22 16.54
CA ASP D 5 -6.97 25.61 17.04
C ASP D 5 -6.46 24.59 18.06
N ALA D 6 -7.38 24.00 18.82
CA ALA D 6 -7.04 23.02 19.84
C ALA D 6 -5.88 22.10 19.42
N GLU D 7 -5.94 21.59 18.20
CA GLU D 7 -4.83 20.77 17.71
C GLU D 7 -4.09 21.44 16.55
N LYS D 8 -4.79 22.31 15.83
CA LYS D 8 -4.21 22.99 14.66
C LYS D 8 -3.11 23.96 15.05
N ALA D 9 -3.08 24.33 16.33
CA ALA D 9 -2.10 25.26 16.87
C ALA D 9 -0.98 24.51 17.58
N ALA D 10 -1.29 23.31 18.07
CA ALA D 10 -0.29 22.48 18.72
C ALA D 10 0.89 22.29 17.77
N VAL D 11 0.57 22.07 16.50
CA VAL D 11 1.55 21.95 15.43
C VAL D 11 2.38 23.21 15.28
N SER D 12 1.71 24.33 15.00
CA SER D 12 2.34 25.64 14.86
C SER D 12 3.21 25.94 16.06
N CYS D 13 2.70 25.56 17.24
CA CYS D 13 3.44 25.60 18.50
C CYS D 13 4.57 24.55 18.59
N LEU D 14 4.29 23.31 18.21
CA LEU D 14 5.26 22.21 18.39
C LEU D 14 6.43 22.25 17.41
N TRP D 15 6.19 22.76 16.19
CA TRP D 15 7.23 22.93 15.15
C TRP D 15 8.17 24.06 15.55
N GLY D 16 7.62 25.01 16.32
CA GLY D 16 8.38 26.11 16.91
C GLY D 16 9.49 25.64 17.84
N LYS D 17 9.22 24.64 18.66
CA LYS D 17 10.29 24.07 19.45
C LYS D 17 11.41 23.58 18.56
N VAL D 18 11.10 22.70 17.61
CA VAL D 18 12.10 21.99 16.81
C VAL D 18 12.80 22.77 15.71
N ASN D 19 14.06 22.43 15.51
CA ASN D 19 14.84 22.94 14.39
C ASN D 19 14.03 22.33 13.24
N SER D 20 13.66 23.19 12.29
CA SER D 20 13.22 22.82 10.96
C SER D 20 14.45 22.64 10.08
N ASP D 21 15.32 21.69 10.43
CA ASP D 21 16.50 21.39 9.61
C ASP D 21 17.19 20.09 10.05
N GLU D 22 17.57 20.01 11.32
CA GLU D 22 18.22 18.83 11.85
C GLU D 22 17.19 17.71 11.79
N VAL D 23 15.93 18.10 11.56
CA VAL D 23 14.83 17.17 11.39
C VAL D 23 14.76 16.67 9.96
N GLY D 24 14.98 17.56 9.01
CA GLY D 24 14.92 17.18 7.60
C GLY D 24 16.00 16.22 7.21
N GLY D 25 17.26 16.66 7.36
CA GLY D 25 18.41 15.80 7.13
C GLY D 25 18.36 14.58 8.02
N GLU D 26 17.48 14.61 9.02
CA GLU D 26 17.30 13.50 9.92
C GLU D 26 16.29 12.53 9.31
N ALA D 27 15.20 13.07 8.79
CA ALA D 27 14.13 12.25 8.25
C ALA D 27 14.48 11.70 6.86
N LEU D 28 15.33 12.41 6.13
CA LEU D 28 15.71 11.98 4.80
C LEU D 28 16.77 10.89 4.85
N GLY D 29 17.78 11.08 5.68
CA GLY D 29 18.74 10.01 5.93
C GLY D 29 18.03 8.73 6.31
N ARG D 30 17.02 8.85 7.18
CA ARG D 30 16.30 7.69 7.68
C ARG D 30 15.51 7.03 6.57
N LEU D 31 14.92 7.87 5.71
CA LEU D 31 14.16 7.40 4.58
C LEU D 31 15.03 6.46 3.79
N LEU D 32 16.27 6.88 3.59
CA LEU D 32 17.26 6.14 2.83
C LEU D 32 17.74 4.92 3.63
N VAL D 33 17.77 4.99 4.96
CA VAL D 33 18.21 3.84 5.77
C VAL D 33 17.14 2.72 5.85
N VAL D 34 15.91 3.07 6.23
CA VAL D 34 14.86 2.05 6.41
C VAL D 34 14.29 1.48 5.10
N TYR D 35 14.36 2.26 4.03
CA TYR D 35 13.84 1.86 2.71
C TYR D 35 15.10 2.20 1.87
N PRO D 36 15.89 1.18 1.55
CA PRO D 36 17.18 1.39 0.87
C PRO D 36 17.15 1.38 -0.65
N TRP D 37 16.01 0.99 -1.21
CA TRP D 37 15.76 1.09 -2.65
C TRP D 37 15.48 2.55 -3.03
N THR D 38 15.51 3.41 -2.00
CA THR D 38 15.20 4.81 -2.11
C THR D 38 16.41 5.60 -2.59
N GLN D 39 17.59 4.96 -2.54
CA GLN D 39 18.86 5.59 -2.92
C GLN D 39 19.03 5.67 -4.44
N ARG D 40 18.11 5.05 -5.17
CA ARG D 40 18.01 5.29 -6.60
C ARG D 40 17.52 6.71 -6.74
N TYR D 41 17.81 7.35 -7.88
CA TYR D 41 17.74 8.81 -8.00
C TYR D 41 18.56 9.57 -6.94
N PHE D 42 19.44 8.85 -6.28
CA PHE D 42 20.49 9.46 -5.48
C PHE D 42 21.85 8.87 -5.91
N ASP D 43 22.31 9.29 -7.09
CA ASP D 43 23.55 8.76 -7.62
C ASP D 43 24.51 9.85 -7.99
N SER D 44 23.99 11.07 -7.94
CA SER D 44 24.74 12.29 -7.95
C SER D 44 25.07 12.59 -6.52
N PHE D 45 24.82 11.62 -5.64
CA PHE D 45 24.86 11.80 -4.18
C PHE D 45 26.06 11.19 -3.44
N GLY D 46 26.73 10.21 -4.04
CA GLY D 46 27.89 9.57 -3.41
C GLY D 46 27.61 8.48 -2.38
N ASP D 47 28.53 8.30 -1.45
CA ASP D 47 28.50 7.16 -0.54
C ASP D 47 27.30 7.09 0.36
N LEU D 48 26.48 6.06 0.16
CA LEU D 48 25.32 5.86 1.01
C LEU D 48 25.33 4.53 1.74
N SER D 49 26.47 3.85 1.74
CA SER D 49 26.52 2.46 2.13
C SER D 49 25.92 2.11 3.46
N SER D 50 26.57 2.56 4.52
CA SER D 50 26.15 2.23 5.87
C SER D 50 25.33 3.36 6.47
N ALA D 51 24.33 3.02 7.28
CA ALA D 51 23.50 4.04 7.94
C ALA D 51 24.37 5.19 8.45
N SER D 52 25.59 4.89 8.89
CA SER D 52 26.55 5.91 9.30
C SER D 52 27.06 6.71 8.11
N ALA D 53 27.17 6.05 6.96
CA ALA D 53 27.52 6.74 5.71
C ALA D 53 26.44 7.74 5.39
N ILE D 54 25.24 7.20 5.21
CA ILE D 54 24.03 7.95 4.86
C ILE D 54 23.82 9.08 5.83
N MET D 55 23.87 8.77 7.12
CA MET D 55 23.65 9.78 8.14
C MET D 55 24.64 10.89 8.00
N GLY D 56 25.90 10.52 7.80
CA GLY D 56 26.97 11.47 7.60
C GLY D 56 27.30 11.64 6.14
N ASN D 57 26.34 12.23 5.43
CA ASN D 57 26.47 12.53 4.02
C ASN D 57 25.97 13.96 3.88
N ALA D 58 26.85 14.88 3.56
CA ALA D 58 26.48 16.28 3.56
C ALA D 58 25.58 16.70 2.37
N LYS D 59 25.28 15.75 1.49
CA LYS D 59 24.24 15.94 0.45
C LYS D 59 22.87 15.67 1.05
N VAL D 60 22.78 14.57 1.78
CA VAL D 60 21.54 14.20 2.41
C VAL D 60 21.22 15.33 3.36
N LYS D 61 22.22 15.73 4.14
CA LYS D 61 22.10 16.84 5.09
C LYS D 61 21.70 18.12 4.38
N ALA D 62 22.35 18.37 3.24
CA ALA D 62 22.05 19.50 2.34
C ALA D 62 20.63 19.47 1.79
N HIS D 63 20.23 18.33 1.24
CA HIS D 63 18.88 18.22 0.72
C HIS D 63 17.85 18.27 1.81
N GLY D 64 18.29 18.03 3.04
CA GLY D 64 17.41 18.02 4.20
C GLY D 64 16.62 19.29 4.28
N LYS D 65 17.35 20.41 4.25
CA LYS D 65 16.79 21.75 4.44
C LYS D 65 15.82 22.17 3.34
N LYS D 66 16.12 21.79 2.11
CA LYS D 66 15.28 22.10 0.96
C LYS D 66 13.91 21.46 1.14
N VAL D 67 13.91 20.14 1.23
CA VAL D 67 12.68 19.35 1.42
C VAL D 67 11.89 19.88 2.58
N ILE D 68 12.60 20.45 3.55
CA ILE D 68 11.96 21.09 4.68
C ILE D 68 11.43 22.47 4.33
N THR D 69 12.21 23.28 3.61
CA THR D 69 11.75 24.62 3.25
C THR D 69 10.40 24.54 2.57
N ALA D 70 10.28 23.54 1.70
CA ALA D 70 9.05 23.25 1.03
C ALA D 70 8.04 22.86 2.09
N PHE D 71 8.46 22.00 3.01
CA PHE D 71 7.55 21.48 4.00
C PHE D 71 7.01 22.65 4.80
N ASN D 72 7.89 23.57 5.16
CA ASN D 72 7.49 24.83 5.76
C ASN D 72 6.50 25.53 4.89
N ASP D 73 6.83 25.70 3.61
CA ASP D 73 5.94 26.40 2.70
C ASP D 73 4.52 25.85 2.73
N GLY D 74 4.41 24.55 2.97
CA GLY D 74 3.12 24.00 3.34
C GLY D 74 2.67 24.54 4.68
N LEU D 75 3.53 24.41 5.68
CA LEU D 75 3.17 24.66 7.07
C LEU D 75 2.45 25.98 7.26
N ASN D 76 2.84 26.96 6.45
CA ASN D 76 2.16 28.25 6.41
C ASN D 76 0.86 28.15 5.65
N HIS D 77 0.93 27.52 4.49
CA HIS D 77 -0.18 27.48 3.55
C HIS D 77 -0.94 26.16 3.62
N LEU D 78 -1.38 25.83 4.83
CA LEU D 78 -2.02 24.55 5.12
C LEU D 78 -3.30 24.29 4.32
N ASP D 79 -3.98 25.34 3.89
CA ASP D 79 -5.13 25.20 3.02
C ASP D 79 -4.66 25.04 1.58
N SER D 80 -3.92 26.05 1.08
CA SER D 80 -3.47 26.05 -0.32
C SER D 80 -2.97 24.67 -0.74
N LEU D 81 -1.89 24.26 -0.08
CA LEU D 81 -1.30 22.93 -0.20
C LEU D 81 -1.25 22.04 -1.44
N LYS D 82 -2.18 22.24 -2.37
CA LYS D 82 -2.08 21.52 -3.64
C LYS D 82 -1.55 22.39 -4.76
N GLY D 83 -1.93 23.67 -4.70
CA GLY D 83 -1.49 24.63 -5.69
C GLY D 83 -0.21 25.35 -5.32
N THR D 84 0.49 24.84 -4.30
CA THR D 84 1.75 25.48 -3.91
C THR D 84 2.96 24.56 -4.02
N PHE D 85 2.70 23.27 -3.85
CA PHE D 85 3.61 22.21 -4.25
C PHE D 85 3.41 21.84 -5.73
N ALA D 86 2.78 22.75 -6.46
CA ALA D 86 2.49 22.56 -7.88
C ALA D 86 3.80 22.28 -8.65
N SER D 87 4.85 23.06 -8.34
CA SER D 87 6.10 23.07 -9.10
C SER D 87 6.96 21.83 -8.91
N LEU D 88 7.03 21.37 -7.66
CA LEU D 88 7.78 20.20 -7.28
C LEU D 88 7.09 18.94 -7.76
N SER D 89 5.77 19.01 -7.90
CA SER D 89 4.96 17.85 -8.33
C SER D 89 5.28 17.35 -9.77
N GLU D 90 5.29 18.28 -10.71
CA GLU D 90 5.77 17.99 -12.04
C GLU D 90 7.24 17.59 -11.99
N LEU D 91 8.01 18.17 -11.07
CA LEU D 91 9.43 17.86 -10.95
C LEU D 91 9.70 16.48 -10.33
N HIS D 92 8.79 16.05 -9.46
CA HIS D 92 8.92 14.77 -8.79
C HIS D 92 8.28 13.64 -9.57
N CYS D 93 7.98 13.92 -10.83
CA CYS D 93 7.17 13.05 -11.67
C CYS D 93 7.94 12.95 -12.96
N ASP D 94 8.05 14.07 -13.68
CA ASP D 94 8.60 14.13 -15.02
C ASP D 94 10.04 14.62 -15.04
N LYS D 95 10.89 14.08 -14.16
CA LYS D 95 12.32 14.39 -14.20
C LYS D 95 13.14 13.83 -13.04
N LEU D 96 12.45 13.35 -12.02
CA LEU D 96 13.07 12.61 -10.94
C LEU D 96 12.44 11.22 -10.89
N HIS D 97 11.18 11.16 -11.32
CA HIS D 97 10.43 9.94 -11.63
C HIS D 97 9.96 9.17 -10.41
N VAL D 98 9.86 9.87 -9.29
CA VAL D 98 9.50 9.28 -8.01
C VAL D 98 8.17 8.58 -8.09
N ASP D 99 8.02 7.55 -7.28
CA ASP D 99 6.76 6.87 -7.18
C ASP D 99 6.06 7.52 -6.01
N PRO D 100 4.88 8.09 -6.26
CA PRO D 100 3.96 8.78 -5.36
C PRO D 100 3.76 8.19 -3.95
N GLU D 101 4.08 6.91 -3.77
CA GLU D 101 3.90 6.29 -2.45
C GLU D 101 4.96 6.71 -1.42
N ASN D 102 6.17 7.06 -1.89
CA ASN D 102 7.28 7.43 -1.00
C ASN D 102 7.18 8.81 -0.37
N PHE D 103 6.28 9.63 -0.85
CA PHE D 103 5.99 10.88 -0.18
C PHE D 103 5.43 10.55 1.21
N ARG D 104 4.48 9.61 1.25
CA ARG D 104 3.85 9.13 2.47
C ARG D 104 4.91 8.48 3.35
N LEU D 105 5.85 7.83 2.68
CA LEU D 105 6.91 7.11 3.33
C LEU D 105 7.95 8.07 3.93
N LEU D 106 8.21 9.18 3.24
CA LEU D 106 8.98 10.27 3.82
C LEU D 106 8.19 10.91 4.94
N GLY D 107 6.96 11.30 4.67
CA GLY D 107 6.10 11.87 5.70
C GLY D 107 6.23 11.10 7.02
N ASN D 108 6.07 9.80 6.93
CA ASN D 108 6.17 8.98 8.10
C ASN D 108 7.52 9.14 8.81
N MET D 109 8.58 9.28 8.02
CA MET D 109 9.88 9.55 8.61
C MET D 109 9.90 10.91 9.30
N ILE D 110 9.17 11.88 8.77
CA ILE D 110 9.15 13.17 9.40
C ILE D 110 8.49 13.08 10.78
N VAL D 111 7.40 12.31 10.86
CA VAL D 111 6.66 12.08 12.11
C VAL D 111 7.44 11.25 13.13
N ILE D 112 7.97 10.11 12.71
CA ILE D 112 8.83 9.33 13.59
C ILE D 112 10.00 10.16 14.10
N VAL D 113 10.56 11.04 13.26
CA VAL D 113 11.65 11.91 13.68
C VAL D 113 11.17 13.06 14.59
N LEU D 114 9.96 13.56 14.33
CA LEU D 114 9.38 14.66 15.09
C LEU D 114 9.17 14.37 16.59
N GLY D 115 8.97 13.10 16.91
CA GLY D 115 8.83 12.67 18.31
C GLY D 115 10.11 11.98 18.78
N HIS D 116 11.12 11.95 17.92
CA HIS D 116 12.46 11.51 18.28
C HIS D 116 13.11 12.70 18.91
N HIS D 117 12.91 13.84 18.27
CA HIS D 117 13.27 15.15 18.78
C HIS D 117 12.47 15.58 20.05
N LEU D 118 11.22 15.15 20.18
CA LEU D 118 10.33 15.73 21.20
C LEU D 118 9.83 14.79 22.29
N GLY D 119 10.10 13.50 22.13
CA GLY D 119 9.75 12.51 23.14
C GLY D 119 8.34 12.73 23.63
N LYS D 120 8.22 13.30 24.83
CA LYS D 120 6.94 13.39 25.53
C LYS D 120 6.04 14.56 25.11
N ASP D 121 6.64 15.73 24.87
CA ASP D 121 5.87 16.88 24.34
C ASP D 121 4.89 16.48 23.22
N PHE D 122 5.17 15.33 22.60
CA PHE D 122 4.44 14.80 21.44
C PHE D 122 3.51 13.70 21.91
N THR D 123 2.23 13.78 21.56
CA THR D 123 1.25 12.78 21.98
C THR D 123 0.23 12.51 20.89
N PRO D 124 -0.42 11.34 20.91
CA PRO D 124 -1.37 10.97 19.88
C PRO D 124 -2.19 12.16 19.36
N ALA D 125 -2.84 12.88 20.28
CA ALA D 125 -3.65 14.05 19.91
C ALA D 125 -2.85 15.07 19.12
N ALA D 126 -1.56 15.17 19.43
CA ALA D 126 -0.62 16.05 18.73
C ALA D 126 0.14 15.32 17.61
N GLN D 127 0.36 14.02 17.79
CA GLN D 127 1.05 13.22 16.80
C GLN D 127 0.27 13.21 15.52
N ALA D 128 -0.93 12.64 15.58
CA ALA D 128 -1.82 12.54 14.44
C ALA D 128 -2.21 13.90 13.87
N ALA D 129 -2.26 14.89 14.74
CA ALA D 129 -2.47 16.29 14.33
C ALA D 129 -1.49 16.72 13.23
N PHE D 130 -0.26 16.17 13.29
CA PHE D 130 0.72 16.34 12.23
C PHE D 130 0.45 15.42 11.05
N GLN D 131 -0.03 14.21 11.33
CA GLN D 131 -0.24 13.22 10.29
C GLN D 131 -1.13 13.77 9.20
N LYS D 132 -2.26 14.30 9.61
CA LYS D 132 -3.19 14.90 8.69
C LYS D 132 -2.39 15.77 7.71
N VAL D 133 -1.39 16.49 8.23
CA VAL D 133 -0.58 17.44 7.44
C VAL D 133 0.51 16.81 6.58
N VAL D 134 1.19 15.82 7.12
CA VAL D 134 2.09 15.01 6.32
C VAL D 134 1.28 14.42 5.15
N ALA D 135 0.24 13.65 5.48
CA ALA D 135 -0.58 12.92 4.52
C ALA D 135 -1.25 13.85 3.51
N GLY D 136 -1.35 15.12 3.87
CA GLY D 136 -1.80 16.19 2.98
C GLY D 136 -0.70 16.71 2.05
N VAL D 137 0.55 16.54 2.46
CA VAL D 137 1.68 16.90 1.58
C VAL D 137 1.91 15.82 0.51
N ALA D 138 1.76 14.55 0.90
CA ALA D 138 1.93 13.44 -0.02
C ALA D 138 0.92 13.50 -1.17
N THR D 139 -0.29 13.96 -0.83
CA THR D 139 -1.42 14.14 -1.76
C THR D 139 -1.36 15.46 -2.52
N ALA D 140 -0.27 16.19 -2.36
CA ALA D 140 -0.17 17.47 -2.98
C ALA D 140 0.96 17.43 -3.98
N LEU D 141 1.96 16.61 -3.69
CA LEU D 141 3.05 16.38 -4.63
C LEU D 141 2.71 15.31 -5.66
N ALA D 142 1.59 14.61 -5.47
CA ALA D 142 1.25 13.52 -6.35
C ALA D 142 0.04 13.76 -7.22
N HIS D 143 -0.41 15.01 -7.30
CA HIS D 143 -1.56 15.38 -8.13
C HIS D 143 -1.27 15.48 -9.61
N LYS D 144 -0.03 15.84 -9.97
CA LYS D 144 0.34 16.03 -11.37
C LYS D 144 0.87 14.77 -12.02
N TYR D 145 1.03 13.71 -11.23
CA TYR D 145 1.53 12.42 -11.72
C TYR D 145 0.72 11.88 -12.92
N HIS D 146 -0.49 12.39 -13.03
CA HIS D 146 -1.36 12.07 -14.16
C HIS D 146 -1.66 13.36 -14.93
CHA HEM E . 14.28 -7.85 -15.99
CHB HEM E . 11.34 -10.92 -13.77
CHC HEM E . 8.32 -7.34 -12.55
CHD HEM E . 11.74 -4.24 -13.88
C1A HEM E . 13.63 -9.00 -15.65
C2A HEM E . 13.80 -10.29 -16.30
C3A HEM E . 12.98 -11.15 -15.70
C4A HEM E . 12.27 -10.42 -14.64
CMA HEM E . 12.82 -12.64 -16.06
CAA HEM E . 14.73 -10.58 -17.51
CBA HEM E . 15.92 -11.49 -17.28
CGA HEM E . 16.60 -11.76 -18.61
O1A HEM E . 16.75 -10.80 -19.42
O2A HEM E . 16.97 -12.95 -18.86
C1B HEM E . 10.20 -10.26 -13.37
C2B HEM E . 8.92 -10.84 -13.01
C3B HEM E . 8.09 -9.86 -12.68
C4B HEM E . 8.82 -8.60 -12.81
CMB HEM E . 8.55 -12.33 -12.99
CAB HEM E . 6.65 -10.03 -12.23
CBB HEM E . 6.44 -10.44 -10.97
C1C HEM E . 9.00 -6.17 -12.77
C2C HEM E . 8.54 -4.85 -12.46
C3C HEM E . 9.49 -3.98 -12.83
C4C HEM E . 10.58 -4.74 -13.40
CMC HEM E . 7.20 -4.45 -11.81
CAC HEM E . 9.43 -2.45 -12.67
CBC HEM E . 8.91 -1.68 -13.64
C1D HEM E . 12.71 -4.89 -14.60
C2D HEM E . 13.84 -4.25 -15.26
C3D HEM E . 14.62 -5.38 -15.91
C4D HEM E . 13.90 -6.59 -15.61
CMD HEM E . 14.19 -2.74 -15.31
CAD HEM E . 15.91 -5.24 -16.73
CBD HEM E . 15.49 -5.14 -18.20
CGD HEM E . 16.57 -5.71 -19.06
O1D HEM E . 16.85 -6.94 -18.93
O2D HEM E . 17.13 -4.91 -19.84
NA HEM E . 12.69 -9.11 -14.65
NB HEM E . 10.10 -8.89 -13.24
NC HEM E . 10.25 -6.07 -13.34
ND HEM E . 12.79 -6.27 -14.83
FE HEM E . 11.43 -7.54 -13.98
CHA HEM F . -22.86 0.84 0.91
CHB HEM F . -21.26 2.60 -3.34
CHC HEM F . -16.80 1.31 -2.15
CHD HEM F . -18.67 -1.55 1.36
C1A HEM F . -22.80 1.40 -0.35
C2A HEM F . -23.94 1.84 -1.12
C3A HEM F . -23.50 2.32 -2.29
C4A HEM F . -22.07 2.20 -2.31
CMA HEM F . -24.33 2.91 -3.45
CAA HEM F . -25.38 1.73 -0.58
CBA HEM F . -25.59 2.80 0.50
CGA HEM F . -26.81 3.59 0.12
O1A HEM F . -27.90 3.01 -0.12
O2A HEM F . -26.68 4.83 0.04
C1B HEM F . -19.90 2.45 -3.38
C2B HEM F . -19.03 2.93 -4.44
C3B HEM F . -17.79 2.60 -4.13
C4B HEM F . -17.82 1.88 -2.87
CMB HEM F . -19.49 3.70 -5.68
CAB HEM F . -16.59 2.92 -5.05
CBB HEM F . -15.36 3.19 -4.59
C1C HEM F . -16.94 0.41 -1.11
C2C HEM F . -15.85 -0.26 -0.45
C3C HEM F . -16.33 -1.05 0.51
C4C HEM F . -17.78 -0.90 0.51
CMC HEM F . -14.36 -0.10 -0.82
CAC HEM F . -15.46 -1.94 1.43
CBC HEM F . -15.91 -3.07 1.99
C1D HEM F . -19.97 -1.18 1.64
C2D HEM F . -20.83 -1.66 2.72
C3D HEM F . -22.14 -0.90 2.57
C4D HEM F . -21.95 -0.05 1.43
CMD HEM F . -20.53 -2.71 3.80
CAD HEM F . -23.40 -1.06 3.45
CBD HEM F . -24.42 -1.74 2.56
CGD HEM F . -25.24 -2.76 3.28
O1D HEM F . -26.26 -2.38 3.93
O2D HEM F . -24.92 -3.96 3.20
NA HEM F . -21.66 1.63 -1.11
NB HEM F . -19.13 1.81 -2.45
NC HEM F . -18.11 0.00 -0.50
ND HEM F . -20.68 -0.23 0.92
FE HEM F . -19.80 0.77 -0.79
CHA HEM G . -6.15 -9.72 19.33
CHB HEM G . -1.42 -8.97 19.37
CHC HEM G . -1.93 -6.53 15.28
CHD HEM G . -6.42 -5.62 16.66
C1A HEM G . -4.84 -9.85 19.70
C2A HEM G . -4.27 -10.67 20.77
C3A HEM G . -2.94 -10.43 20.75
C4A HEM G . -2.66 -9.47 19.71
CMA HEM G . -1.83 -11.03 21.64
CAA HEM G . -5.07 -11.63 21.71
CBA HEM G . -4.43 -11.77 23.11
CGA HEM G . -5.41 -11.84 24.27
O1A HEM G . -5.70 -10.77 24.88
O2A HEM G . -5.88 -12.97 24.60
C1B HEM G . -1.11 -8.23 18.25
C2B HEM G . 0.21 -7.79 17.84
C3B HEM G . 0.05 -7.11 16.70
C4B HEM G . -1.35 -7.11 16.38
CMB HEM G . 1.54 -8.05 18.58
CAB HEM G . 1.16 -6.42 15.86
CBB HEM G . 2.40 -6.91 15.79
C1C HEM G . -3.18 -5.96 15.33
C2C HEM G . -3.66 -4.88 14.51
C3C HEM G . -4.92 -4.61 14.88
C4C HEM G . -5.26 -5.53 15.97
CMC HEM G . -2.84 -4.17 13.40
CAC HEM G . -5.84 -3.52 14.29
CBC HEM G . -6.95 -3.86 13.67
C1D HEM G . -6.77 -6.64 17.52
C2D HEM G . -8.08 -6.77 18.13
C3D HEM G . -8.01 -8.05 18.95
C4D HEM G . -6.68 -8.56 18.76
CMD HEM G . -9.31 -5.86 17.97
CAD HEM G . -9.18 -8.61 19.80
CBD HEM G . -9.50 -7.54 20.86
CGD HEM G . -9.71 -8.13 22.22
O1D HEM G . -10.44 -7.47 23.01
O2D HEM G . -9.12 -9.22 22.53
NA HEM G . -3.85 -9.14 19.09
NB HEM G . -2.03 -7.81 17.32
NC HEM G . -4.17 -6.34 16.20
ND HEM G . -5.99 -7.70 17.91
FE HEM G . -4.09 -8.11 17.28
CHA HEM H . 14.21 17.69 -5.15
CHB HEM H . 10.70 18.76 -1.98
CHC HEM H . 9.76 14.08 -1.07
CHD HEM H . 13.25 12.99 -4.26
C1A HEM H . 13.38 18.39 -4.30
C2A HEM H . 13.43 19.81 -4.04
C3A HEM H . 12.46 20.10 -3.16
C4A HEM H . 11.77 18.88 -2.83
CMA HEM H . 12.06 21.46 -2.53
CAA HEM H . 14.48 20.70 -4.72
CBA HEM H . 13.95 22.09 -5.10
CGA HEM H . 15.10 23.06 -5.32
O1A HEM H . 15.31 23.39 -6.52
O2A HEM H . 15.80 23.48 -4.34
C1B HEM H . 10.18 17.60 -1.43
C2B HEM H . 9.19 17.56 -0.36
C3B HEM H . 8.92 16.27 -0.08
C4B HEM H . 9.72 15.46 -0.98
CMB HEM H . 8.56 18.76 0.36
CAB HEM H . 7.92 15.83 1.01
CBB HEM H . 7.51 14.56 1.10
C1C HEM H . 10.64 13.39 -1.87
C2C HEM H . 10.77 11.95 -1.91
C3C HEM H . 11.74 11.64 -2.78
C4C HEM H . 12.27 12.89 -3.32
CMC HEM H . 9.92 10.97 -1.08
CAC HEM H . 12.26 10.22 -3.20
CBC HEM H . 12.35 9.15 -2.39
C1D HEM H . 13.89 14.10 -4.73
C2D HEM H . 15.15 14.11 -5.44
C3D HEM H . 15.49 15.56 -5.74
C4D HEM H . 14.38 16.32 -5.16
CMD HEM H . 16.01 12.90 -5.83
CAD HEM H . 16.79 15.99 -6.48
CBD HEM H . 16.65 17.22 -7.38
CGD HEM H . 17.42 18.40 -6.81
O1D HEM H . 16.77 19.46 -6.50
O2D HEM H . 18.68 18.26 -6.68
NA HEM H . 12.37 17.86 -3.53
NB HEM H . 10.48 16.31 -1.79
NC HEM H . 11.57 13.93 -2.74
ND HEM H . 13.46 15.42 -4.59
FE HEM H . 12.07 15.89 -3.03
#